data_2VPP
#
_entry.id   2VPP
#
_cell.length_a   120.106
_cell.length_b   62.298
_cell.length_c   68.078
_cell.angle_alpha   90.00
_cell.angle_beta   90.00
_cell.angle_gamma   90.00
#
_symmetry.space_group_name_H-M   'P 21 21 2'
#
loop_
_entity.id
_entity.type
_entity.pdbx_description
1 polymer 'DEOXYNUCLEOSIDE KINASE'
2 non-polymer GEMCITABINE
3 non-polymer 'SULFATE ION'
4 water water
#
_entity_poly.entity_id   1
_entity_poly.type   'polypeptide(L)'
_entity_poly.pdbx_seq_one_letter_code
;MAEAASCARKGTKYAEGTQPFTVLIEGNIGSGKTTYLNHFEKYKNDICLLTEPVEKWRNVNGVNLLELMYKDPKKWAMPF
QSYVTLTMLQSHTAPTNKKLKIMERSIFSARYCFVENMRRNGSLEQGMYNTLEEWYKFIEESIHVQADLIIYLRTSPEVA
YERIRQRARSEESCVPLKYLQELHELHEDWLIHQRRPQSCKVLVLDADLNLENIGTEYQRSESSIFDAIS
;
_entity_poly.pdbx_strand_id   A,B
#
loop_
_chem_comp.id
_chem_comp.type
_chem_comp.name
_chem_comp.formula
GEO non-polymer GEMCITABINE 'C9 H11 F2 N3 O4'
SO4 non-polymer 'SULFATE ION' 'O4 S -2'
#
# COMPACT_ATOMS: atom_id res chain seq x y z
N THR A 18 -10.00 9.08 -19.04
CA THR A 18 -9.10 10.22 -19.42
C THR A 18 -7.71 9.79 -19.95
N GLN A 19 -7.58 8.54 -20.35
CA GLN A 19 -6.27 7.98 -20.76
C GLN A 19 -6.19 7.64 -22.26
N PRO A 20 -5.04 7.92 -22.91
CA PRO A 20 -4.81 7.50 -24.31
C PRO A 20 -4.68 6.00 -24.48
N PHE A 21 -4.63 5.57 -25.74
CA PHE A 21 -4.22 4.21 -26.08
C PHE A 21 -2.87 3.97 -25.42
N THR A 22 -2.78 2.87 -24.67
CA THR A 22 -1.66 2.62 -23.77
C THR A 22 -1.01 1.28 -24.03
N VAL A 23 0.32 1.33 -24.15
CA VAL A 23 1.12 0.16 -24.43
C VAL A 23 2.00 -0.09 -23.21
N LEU A 24 2.02 -1.33 -22.75
CA LEU A 24 2.87 -1.71 -21.63
C LEU A 24 3.97 -2.60 -22.16
N ILE A 25 5.20 -2.31 -21.77
CA ILE A 25 6.35 -3.12 -22.18
C ILE A 25 6.71 -4.04 -21.03
N GLU A 26 6.72 -5.35 -21.29
CA GLU A 26 6.90 -6.36 -20.24
C GLU A 26 8.06 -7.30 -20.54
N GLY A 27 8.77 -7.74 -19.51
CA GLY A 27 9.79 -8.74 -19.69
C GLY A 27 10.58 -8.99 -18.43
N ASN A 28 11.40 -10.02 -18.47
CA ASN A 28 12.28 -10.32 -17.37
C ASN A 28 13.26 -9.15 -17.12
N ILE A 29 13.99 -9.22 -16.01
CA ILE A 29 15.15 -8.37 -15.77
C ILE A 29 16.12 -8.76 -16.90
N GLY A 30 16.70 -7.79 -17.60
CA GLY A 30 17.72 -8.09 -18.62
C GLY A 30 17.17 -8.49 -19.97
N SER A 31 15.92 -8.13 -20.22
CA SER A 31 15.22 -8.50 -21.45
C SER A 31 15.36 -7.45 -22.56
N GLY A 32 16.01 -6.33 -22.23
CA GLY A 32 16.24 -5.26 -23.18
C GLY A 32 15.23 -4.14 -23.19
N LYS A 33 14.37 -4.06 -22.17
CA LYS A 33 13.31 -3.06 -22.10
C LYS A 33 13.79 -1.59 -22.20
N THR A 34 14.82 -1.23 -21.47
CA THR A 34 15.37 0.13 -21.53
C THR A 34 15.89 0.48 -22.92
N THR A 35 16.60 -0.45 -23.55
CA THR A 35 17.11 -0.25 -24.90
C THR A 35 15.96 -0.06 -25.88
N TYR A 36 14.96 -0.92 -25.77
CA TYR A 36 13.76 -0.90 -26.59
C TYR A 36 12.97 0.40 -26.46
N LEU A 37 12.75 0.85 -25.22
CA LEU A 37 11.97 2.06 -24.93
C LEU A 37 12.67 3.33 -25.47
N ASN A 38 14.00 3.34 -25.45
CA ASN A 38 14.79 4.46 -25.99
C ASN A 38 14.53 4.74 -27.46
N HIS A 39 14.17 3.70 -28.22
CA HIS A 39 13.80 3.87 -29.63
C HIS A 39 12.56 4.79 -29.79
N PHE A 40 11.75 4.95 -28.75
CA PHE A 40 10.55 5.78 -28.90
C PHE A 40 10.74 7.24 -28.51
N GLU A 41 11.95 7.60 -28.12
CA GLU A 41 12.28 8.95 -27.64
C GLU A 41 12.22 10.00 -28.74
N LYS A 42 12.52 9.59 -29.97
CA LYS A 42 12.39 10.46 -31.13
C LYS A 42 10.93 10.79 -31.47
N TYR A 43 9.99 10.08 -30.83
CA TYR A 43 8.55 10.22 -31.06
C TYR A 43 7.77 10.85 -29.88
N LYS A 44 8.49 11.51 -28.99
CA LYS A 44 7.92 12.14 -27.80
C LYS A 44 6.90 13.25 -28.07
N ASN A 45 6.87 13.77 -29.30
CA ASN A 45 5.79 14.67 -29.73
C ASN A 45 4.42 14.01 -29.70
N ASP A 46 4.36 12.71 -29.99
CA ASP A 46 3.12 11.96 -30.04
C ASP A 46 3.01 10.87 -28.96
N ILE A 47 4.11 10.57 -28.30
CA ILE A 47 4.13 9.49 -27.30
C ILE A 47 4.51 9.99 -25.89
N CYS A 48 3.63 9.70 -24.93
CA CYS A 48 3.98 9.82 -23.53
C CYS A 48 4.77 8.58 -23.15
N LEU A 49 6.05 8.78 -22.85
CA LEU A 49 6.98 7.70 -22.58
C LEU A 49 7.26 7.58 -21.08
N LEU A 50 6.82 6.47 -20.48
CA LEU A 50 7.01 6.30 -19.05
C LEU A 50 7.91 5.11 -18.70
N THR A 51 9.14 5.45 -18.39
CA THR A 51 10.17 4.60 -17.84
C THR A 51 9.73 4.00 -16.49
N GLU A 52 10.17 2.79 -16.17
CA GLU A 52 9.85 2.19 -14.88
C GLU A 52 10.38 3.16 -13.82
N PRO A 53 9.61 3.41 -12.74
CA PRO A 53 9.92 4.43 -11.72
C PRO A 53 11.09 4.08 -10.79
N VAL A 54 12.16 3.52 -11.35
CA VAL A 54 13.33 3.06 -10.55
C VAL A 54 13.92 4.20 -9.71
N GLU A 55 13.96 5.41 -10.27
CA GLU A 55 14.51 6.56 -9.54
C GLU A 55 13.73 6.90 -8.27
N LYS A 56 12.42 6.75 -8.31
CA LYS A 56 11.59 6.86 -7.12
C LYS A 56 11.96 5.79 -6.05
N TRP A 57 12.06 4.53 -6.46
CA TRP A 57 12.31 3.41 -5.53
C TRP A 57 13.68 3.55 -4.85
N ARG A 58 14.60 4.17 -5.56
CA ARG A 58 15.97 4.40 -5.09
C ARG A 58 16.11 5.54 -4.11
N ASN A 59 15.07 6.34 -3.99
CA ASN A 59 15.12 7.56 -3.18
C ASN A 59 13.75 7.91 -2.57
N VAL A 60 13.33 7.14 -1.57
CA VAL A 60 12.04 7.37 -0.95
C VAL A 60 12.32 8.16 0.29
N ASN A 61 12.34 9.48 0.12
CA ASN A 61 12.91 10.42 1.10
C ASN A 61 14.26 9.97 1.66
N GLY A 62 15.18 9.64 0.76
CA GLY A 62 16.55 9.32 1.14
C GLY A 62 16.78 7.84 1.35
N VAL A 63 15.72 7.04 1.31
CA VAL A 63 15.86 5.57 1.48
C VAL A 63 15.80 4.89 0.11
N ASN A 64 16.76 4.00 -0.15
CA ASN A 64 16.75 3.19 -1.35
C ASN A 64 16.06 1.85 -1.06
N LEU A 65 14.76 1.79 -1.36
CA LEU A 65 13.97 0.59 -1.10
C LEU A 65 14.35 -0.57 -2.00
N LEU A 66 14.88 -0.25 -3.18
CA LEU A 66 15.26 -1.26 -4.12
C LEU A 66 16.47 -2.04 -3.61
N GLU A 67 17.49 -1.31 -3.14
CA GLU A 67 18.70 -1.93 -2.56
C GLU A 67 18.35 -2.71 -1.29
N LEU A 68 17.55 -2.12 -0.42
CA LEU A 68 17.14 -2.80 0.81
C LEU A 68 16.43 -4.13 0.52
N MET A 69 15.55 -4.13 -0.49
CA MET A 69 14.86 -5.34 -0.93
C MET A 69 15.82 -6.41 -1.43
N TYR A 70 16.77 -6.03 -2.29
CA TYR A 70 17.78 -7.00 -2.76
C TYR A 70 18.69 -7.51 -1.64
N LYS A 71 19.00 -6.66 -0.66
CA LYS A 71 19.85 -7.05 0.47
C LYS A 71 19.20 -8.03 1.46
N ASP A 72 17.93 -7.79 1.77
CA ASP A 72 17.17 -8.56 2.76
C ASP A 72 15.69 -8.64 2.32
N PRO A 73 15.36 -9.53 1.36
CA PRO A 73 13.98 -9.54 0.86
C PRO A 73 12.90 -9.96 1.85
N LYS A 74 13.23 -10.80 2.83
CA LYS A 74 12.24 -11.22 3.83
C LYS A 74 11.79 -10.03 4.63
N LYS A 75 12.69 -9.09 4.86
CA LYS A 75 12.29 -7.90 5.56
C LYS A 75 11.70 -6.82 4.63
N TRP A 76 12.25 -6.66 3.43
CA TRP A 76 11.90 -5.47 2.62
C TRP A 76 11.02 -5.72 1.42
N ALA A 77 10.70 -6.98 1.13
CA ALA A 77 9.88 -7.29 -0.04
C ALA A 77 8.50 -6.61 0.03
N MET A 78 7.85 -6.68 1.19
CA MET A 78 6.49 -6.13 1.36
C MET A 78 6.40 -4.61 1.24
N PRO A 79 7.22 -3.83 2.01
CA PRO A 79 7.23 -2.38 1.79
C PRO A 79 7.70 -1.98 0.39
N PHE A 80 8.71 -2.66 -0.15
CA PHE A 80 9.15 -2.40 -1.52
C PHE A 80 8.05 -2.61 -2.52
N GLN A 81 7.33 -3.72 -2.43
CA GLN A 81 6.30 -4.01 -3.44
C GLN A 81 5.05 -3.18 -3.24
N SER A 82 4.81 -2.78 -1.99
CA SER A 82 3.81 -1.76 -1.69
C SER A 82 4.12 -0.43 -2.38
N TYR A 83 5.37 0.00 -2.35
CA TYR A 83 5.72 1.28 -2.99
C TYR A 83 5.75 1.18 -4.51
N VAL A 84 6.23 0.04 -5.02
CA VAL A 84 6.10 -0.26 -6.45
C VAL A 84 4.65 -0.10 -6.93
N THR A 85 3.70 -0.79 -6.29
CA THR A 85 2.27 -0.65 -6.59
C THR A 85 1.86 0.81 -6.69
N LEU A 86 2.21 1.59 -5.67
CA LEU A 86 1.86 2.98 -5.62
C LEU A 86 2.44 3.74 -6.80
N THR A 87 3.71 3.50 -7.13
CA THR A 87 4.33 4.27 -8.18
C THR A 87 3.80 3.85 -9.56
N MET A 88 3.53 2.58 -9.75
CA MET A 88 2.91 2.12 -10.99
C MET A 88 1.53 2.74 -11.17
N LEU A 89 0.71 2.70 -10.12
CA LEU A 89 -0.58 3.39 -10.08
C LEU A 89 -0.46 4.84 -10.56
N GLN A 90 0.58 5.54 -10.07
CA GLN A 90 0.87 6.94 -10.44
C GLN A 90 1.22 7.08 -11.93
N SER A 91 1.96 6.12 -12.49
CA SER A 91 2.28 6.10 -13.91
C SER A 91 1.05 5.76 -14.76
N HIS A 92 0.30 4.75 -14.35
CA HIS A 92 -0.90 4.35 -15.06
C HIS A 92 -1.88 5.51 -15.19
N THR A 93 -1.97 6.32 -14.14
CA THR A 93 -2.99 7.39 -14.02
C THR A 93 -2.47 8.77 -14.38
N ALA A 94 -1.16 8.86 -14.69
CA ALA A 94 -0.48 10.12 -14.98
C ALA A 94 -1.15 10.82 -16.14
N PRO A 95 -1.35 12.14 -16.02
CA PRO A 95 -2.12 12.86 -17.04
C PRO A 95 -1.31 13.25 -18.29
N THR A 96 -1.84 12.91 -19.46
CA THR A 96 -1.18 13.29 -20.71
C THR A 96 -2.15 13.71 -21.83
N ASN A 97 -1.71 14.70 -22.61
CA ASN A 97 -2.40 15.12 -23.81
C ASN A 97 -2.00 14.33 -25.07
N LYS A 98 -0.98 13.48 -24.95
CA LYS A 98 -0.43 12.74 -26.08
C LYS A 98 -1.37 11.62 -26.53
N LYS A 99 -1.21 11.21 -27.78
CA LYS A 99 -2.13 10.28 -28.44
C LYS A 99 -1.85 8.85 -28.01
N LEU A 100 -0.63 8.63 -27.55
CA LEU A 100 -0.14 7.30 -27.17
C LEU A 100 0.64 7.38 -25.86
N LYS A 101 0.40 6.42 -24.97
CA LYS A 101 1.26 6.25 -23.79
C LYS A 101 1.97 4.90 -23.86
N ILE A 102 3.29 4.92 -23.69
CA ILE A 102 4.06 3.69 -23.56
C ILE A 102 4.71 3.63 -22.18
N MET A 103 4.37 2.58 -21.42
CA MET A 103 4.89 2.39 -20.08
C MET A 103 5.84 1.20 -20.01
N GLU A 104 6.94 1.36 -19.28
CA GLU A 104 7.81 0.25 -18.92
C GLU A 104 7.20 -0.45 -17.70
N ARG A 105 6.82 -1.72 -17.88
CA ARG A 105 6.12 -2.53 -16.86
C ARG A 105 4.80 -1.90 -16.40
N SER A 106 4.19 -2.53 -15.38
CA SER A 106 2.82 -2.25 -14.95
C SER A 106 2.50 -2.80 -13.55
N ILE A 107 1.30 -2.49 -13.10
CA ILE A 107 0.74 -3.01 -11.88
C ILE A 107 0.40 -4.49 -12.05
N PHE A 108 0.25 -4.93 -13.31
CA PHE A 108 0.00 -6.34 -13.62
C PHE A 108 1.24 -7.24 -13.46
N SER A 109 2.38 -6.82 -14.00
CA SER A 109 3.61 -7.60 -13.79
C SER A 109 4.05 -7.61 -12.33
N ALA A 110 3.87 -6.49 -11.65
CA ALA A 110 4.11 -6.43 -10.20
C ALA A 110 3.33 -7.53 -9.50
N ARG A 111 2.03 -7.59 -9.77
CA ARG A 111 1.13 -8.53 -9.09
C ARG A 111 1.38 -9.96 -9.54
N TYR A 112 1.28 -10.21 -10.84
CA TYR A 112 1.33 -11.58 -11.37
C TYR A 112 2.73 -12.16 -11.43
N CYS A 113 3.76 -11.32 -11.53
CA CYS A 113 5.10 -11.90 -11.59
C CYS A 113 5.95 -11.70 -10.37
N PHE A 114 6.14 -10.44 -9.98
CA PHE A 114 7.12 -10.10 -8.96
C PHE A 114 6.68 -10.45 -7.56
N VAL A 115 5.44 -10.10 -7.24
CA VAL A 115 4.84 -10.48 -5.96
C VAL A 115 4.58 -11.99 -5.88
N GLU A 116 4.09 -12.57 -6.98
CA GLU A 116 3.91 -14.01 -7.02
C GLU A 116 5.23 -14.74 -6.71
N ASN A 117 6.34 -14.32 -7.30
CA ASN A 117 7.60 -15.01 -7.03
C ASN A 117 8.16 -14.83 -5.61
N MET A 118 7.94 -13.66 -5.03
CA MET A 118 8.34 -13.44 -3.64
C MET A 118 7.51 -14.26 -2.62
N ARG A 119 6.23 -14.43 -2.93
CA ARG A 119 5.35 -15.35 -2.22
C ARG A 119 5.89 -16.79 -2.33
N ARG A 120 6.15 -17.26 -3.56
CA ARG A 120 6.66 -18.63 -3.77
C ARG A 120 8.01 -18.93 -3.12
N ASN A 121 8.94 -17.96 -3.18
CA ASN A 121 10.27 -18.18 -2.59
C ASN A 121 10.39 -17.86 -1.12
N GLY A 122 9.27 -17.51 -0.48
CA GLY A 122 9.26 -17.26 0.95
C GLY A 122 9.58 -15.87 1.48
N SER A 123 9.84 -14.90 0.59
CA SER A 123 10.12 -13.52 1.04
C SER A 123 8.87 -12.79 1.53
N LEU A 124 7.72 -13.14 0.95
CA LEU A 124 6.43 -12.68 1.47
C LEU A 124 5.66 -13.78 2.19
N GLU A 125 5.48 -13.60 3.49
CA GLU A 125 4.59 -14.44 4.26
C GLU A 125 3.13 -14.22 3.85
N GLN A 126 2.27 -15.16 4.21
CA GLN A 126 0.86 -15.18 3.78
C GLN A 126 0.13 -13.86 4.06
N GLY A 127 0.27 -13.33 5.28
CA GLY A 127 -0.37 -12.07 5.67
C GLY A 127 0.13 -10.87 4.88
N MET A 128 1.41 -10.89 4.52
CA MET A 128 2.06 -9.84 3.71
C MET A 128 1.57 -9.86 2.26
N TYR A 129 1.61 -11.05 1.69
CA TYR A 129 1.01 -11.31 0.40
C TYR A 129 -0.47 -10.93 0.39
N ASN A 130 -1.24 -11.40 1.37
CA ASN A 130 -2.68 -11.05 1.48
C ASN A 130 -2.96 -9.55 1.54
N THR A 131 -2.12 -8.79 2.23
CA THR A 131 -2.27 -7.31 2.28
C THR A 131 -2.07 -6.68 0.90
N LEU A 132 -1.04 -7.12 0.18
CA LEU A 132 -0.78 -6.57 -1.15
C LEU A 132 -1.92 -6.88 -2.14
N GLU A 133 -2.47 -8.09 -2.02
CA GLU A 133 -3.61 -8.55 -2.83
C GLU A 133 -4.90 -7.77 -2.56
N GLU A 134 -5.15 -7.42 -1.29
CA GLU A 134 -6.28 -6.55 -0.94
C GLU A 134 -6.13 -5.17 -1.56
N TRP A 135 -4.91 -4.63 -1.56
CA TRP A 135 -4.64 -3.41 -2.30
C TRP A 135 -4.92 -3.52 -3.80
N TYR A 136 -4.42 -4.58 -4.45
CA TYR A 136 -4.65 -4.82 -5.89
C TYR A 136 -6.13 -5.00 -6.20
N LYS A 137 -6.84 -5.77 -5.38
CA LYS A 137 -8.30 -5.91 -5.55
C LYS A 137 -9.01 -4.55 -5.46
N PHE A 138 -8.71 -3.78 -4.43
CA PHE A 138 -9.34 -2.47 -4.26
C PHE A 138 -8.99 -1.51 -5.39
N ILE A 139 -7.76 -1.58 -5.88
CA ILE A 139 -7.35 -0.75 -7.01
C ILE A 139 -8.14 -1.10 -8.28
N GLU A 140 -8.34 -2.37 -8.55
CA GLU A 140 -9.05 -2.76 -9.77
C GLU A 140 -10.58 -2.58 -9.67
N GLU A 141 -11.08 -2.40 -8.44
CA GLU A 141 -12.50 -2.08 -8.21
C GLU A 141 -12.68 -0.58 -8.34
N SER A 142 -11.66 0.18 -7.94
CA SER A 142 -11.72 1.65 -7.89
C SER A 142 -11.44 2.36 -9.21
N ILE A 143 -10.52 1.82 -10.01
CA ILE A 143 -10.23 2.41 -11.32
C ILE A 143 -10.06 1.40 -12.44
N HIS A 144 -10.30 1.85 -13.65
CA HIS A 144 -9.91 1.08 -14.82
C HIS A 144 -8.53 1.55 -15.26
N VAL A 145 -7.56 0.66 -15.07
CA VAL A 145 -6.19 0.84 -15.52
C VAL A 145 -6.14 0.59 -17.03
N GLN A 146 -5.80 1.62 -17.80
CA GLN A 146 -5.75 1.53 -19.27
C GLN A 146 -4.64 0.60 -19.75
N ALA A 147 -5.00 -0.44 -20.49
CA ALA A 147 -4.04 -1.42 -21.01
C ALA A 147 -4.49 -2.00 -22.35
N ASP A 148 -4.11 -1.34 -23.43
CA ASP A 148 -4.60 -1.64 -24.79
C ASP A 148 -3.75 -2.63 -25.54
N LEU A 149 -2.45 -2.62 -25.25
CA LEU A 149 -1.51 -3.56 -25.85
C LEU A 149 -0.36 -3.84 -24.88
N ILE A 150 0.08 -5.09 -24.84
CA ILE A 150 1.30 -5.48 -24.15
C ILE A 150 2.32 -5.92 -25.18
N ILE A 151 3.50 -5.31 -25.14
CA ILE A 151 4.64 -5.81 -25.89
C ILE A 151 5.55 -6.63 -24.97
N TYR A 152 5.59 -7.94 -25.19
CA TYR A 152 6.37 -8.86 -24.37
C TYR A 152 7.77 -9.11 -24.96
N LEU A 153 8.80 -8.64 -24.27
CA LEU A 153 10.19 -8.92 -24.69
C LEU A 153 10.63 -10.27 -24.16
N ARG A 154 10.42 -11.29 -24.98
CA ARG A 154 10.63 -12.69 -24.59
C ARG A 154 12.08 -13.08 -24.80
N THR A 155 12.72 -13.49 -23.72
CA THR A 155 14.13 -13.85 -23.69
C THR A 155 14.25 -15.16 -22.93
N SER A 156 15.36 -15.87 -23.09
CA SER A 156 15.67 -17.01 -22.26
C SER A 156 16.37 -16.47 -21.02
N PRO A 157 16.20 -17.15 -19.86
CA PRO A 157 16.82 -16.71 -18.62
C PRO A 157 18.32 -16.46 -18.69
N GLU A 158 19.03 -17.24 -19.50
CA GLU A 158 20.50 -17.22 -19.58
C GLU A 158 20.98 -15.98 -20.28
N VAL A 159 20.30 -15.62 -21.37
CA VAL A 159 20.54 -14.36 -22.05
C VAL A 159 20.25 -13.13 -21.17
N ALA A 160 19.09 -13.14 -20.48
CA ALA A 160 18.77 -12.15 -19.42
C ALA A 160 19.89 -12.02 -18.39
N TYR A 161 20.35 -13.17 -17.88
CA TYR A 161 21.47 -13.29 -16.94
C TYR A 161 22.78 -12.63 -17.43
N GLU A 162 23.16 -12.97 -18.66
CA GLU A 162 24.33 -12.40 -19.33
C GLU A 162 24.18 -10.88 -19.47
N ARG A 163 23.05 -10.43 -19.99
CA ARG A 163 22.76 -8.99 -20.08
C ARG A 163 23.00 -8.21 -18.78
N ILE A 164 22.43 -8.71 -17.69
CA ILE A 164 22.68 -8.16 -16.35
C ILE A 164 24.16 -8.13 -15.97
N ARG A 165 24.85 -9.25 -16.17
CA ARG A 165 26.25 -9.37 -15.77
C ARG A 165 27.19 -8.51 -16.63
N GLN A 166 26.79 -8.24 -17.87
CA GLN A 166 27.58 -7.46 -18.84
C GLN A 166 27.44 -5.93 -18.67
N ARG A 167 26.55 -5.48 -17.79
CA ARG A 167 26.33 -4.04 -17.69
C ARG A 167 26.73 -3.49 -16.33
N ALA A 168 26.67 -2.17 -16.16
CA ALA A 168 27.06 -1.51 -14.89
C ALA A 168 26.48 -2.16 -13.62
N ARG A 169 27.28 -2.21 -12.56
CA ARG A 169 26.85 -2.75 -11.28
C ARG A 169 25.72 -1.91 -10.70
N SER A 170 24.62 -2.58 -10.33
CA SER A 170 23.52 -1.96 -9.57
C SER A 170 22.89 -2.94 -8.58
N GLU A 171 21.82 -2.52 -7.91
CA GLU A 171 21.10 -3.34 -6.94
C GLU A 171 20.82 -4.78 -7.39
N GLU A 172 20.44 -4.97 -8.66
CA GLU A 172 20.04 -6.29 -9.17
C GLU A 172 21.19 -7.16 -9.70
N SER A 173 22.42 -6.65 -9.63
CA SER A 173 23.55 -7.30 -10.29
C SER A 173 23.83 -8.73 -9.83
N CYS A 174 23.33 -9.11 -8.65
CA CYS A 174 23.59 -10.45 -8.12
C CYS A 174 22.39 -11.41 -8.17
N VAL A 175 21.33 -11.00 -8.84
CA VAL A 175 20.15 -11.85 -9.03
C VAL A 175 20.60 -13.23 -9.58
N PRO A 176 20.31 -14.32 -8.85
CA PRO A 176 20.64 -15.66 -9.38
C PRO A 176 19.88 -16.07 -10.64
N LEU A 177 20.49 -16.96 -11.41
CA LEU A 177 19.85 -17.49 -12.59
C LEU A 177 18.51 -18.14 -12.21
N LYS A 178 18.49 -18.82 -11.07
CA LYS A 178 17.25 -19.45 -10.56
C LYS A 178 16.11 -18.43 -10.43
N TYR A 179 16.40 -17.31 -9.79
CA TYR A 179 15.45 -16.20 -9.66
C TYR A 179 14.95 -15.73 -11.04
N LEU A 180 15.86 -15.51 -11.98
CA LEU A 180 15.51 -15.22 -13.37
C LEU A 180 14.64 -16.29 -14.05
N GLN A 181 14.96 -17.56 -13.81
CA GLN A 181 14.20 -18.69 -14.36
C GLN A 181 12.74 -18.70 -13.89
N GLU A 182 12.53 -18.44 -12.61
CA GLU A 182 11.18 -18.36 -12.03
C GLU A 182 10.37 -17.15 -12.58
N LEU A 183 11.03 -16.00 -12.68
CA LEU A 183 10.41 -14.82 -13.26
C LEU A 183 10.02 -15.06 -14.72
N HIS A 184 10.90 -15.75 -15.45
CA HIS A 184 10.60 -16.15 -16.82
C HIS A 184 9.34 -16.99 -16.92
N GLU A 185 9.24 -18.06 -16.12
CA GLU A 185 8.04 -18.91 -16.16
C GLU A 185 6.78 -18.12 -15.82
N LEU A 186 6.89 -17.17 -14.91
CA LEU A 186 5.74 -16.32 -14.57
C LEU A 186 5.29 -15.38 -15.67
N HIS A 187 6.24 -14.83 -16.42
CA HIS A 187 5.92 -14.04 -17.62
C HIS A 187 5.28 -14.93 -18.71
N GLU A 188 5.81 -16.15 -18.86
CA GLU A 188 5.27 -17.15 -19.79
C GLU A 188 3.84 -17.56 -19.39
N ASP A 189 3.66 -17.87 -18.10
CA ASP A 189 2.32 -18.15 -17.56
C ASP A 189 1.32 -17.07 -17.98
N TRP A 190 1.65 -15.81 -17.69
CA TRP A 190 0.75 -14.69 -17.93
C TRP A 190 0.56 -14.37 -19.40
N LEU A 191 1.67 -14.21 -20.10
CA LEU A 191 1.61 -13.62 -21.42
C LEU A 191 1.52 -14.65 -22.54
N ILE A 192 1.84 -15.91 -22.26
CA ILE A 192 1.75 -16.97 -23.27
C ILE A 192 0.63 -17.99 -23.00
N HIS A 193 0.68 -18.68 -21.86
CA HIS A 193 -0.35 -19.66 -21.48
C HIS A 193 -1.70 -19.03 -21.12
N GLN A 194 -1.66 -18.03 -20.24
CA GLN A 194 -2.76 -17.08 -19.90
C GLN A 194 -4.13 -17.57 -19.42
N ARG A 195 -4.28 -18.34 -18.33
CA ARG A 195 -3.47 -18.46 -17.11
C ARG A 195 -3.54 -17.30 -16.12
N ARG A 196 -3.50 -16.07 -16.62
CA ARG A 196 -3.72 -14.88 -15.78
C ARG A 196 -4.62 -13.90 -16.54
N PRO A 197 -5.51 -13.19 -15.81
CA PRO A 197 -6.35 -12.15 -16.42
C PRO A 197 -5.58 -10.85 -16.73
N LYS A 201 -4.36 -8.40 -25.25
CA LYS A 201 -3.65 -8.69 -26.49
C LYS A 201 -2.15 -8.47 -26.34
N VAL A 202 -1.38 -9.51 -26.62
CA VAL A 202 0.05 -9.53 -26.38
C VAL A 202 0.78 -9.66 -27.72
N LEU A 203 1.69 -8.73 -28.01
CA LEU A 203 2.63 -8.90 -29.12
C LEU A 203 3.96 -9.44 -28.57
N VAL A 204 4.39 -10.61 -29.06
CA VAL A 204 5.62 -11.24 -28.56
C VAL A 204 6.83 -10.88 -29.44
N LEU A 205 7.80 -10.19 -28.87
CA LEU A 205 9.02 -9.88 -29.59
C LEU A 205 10.12 -10.82 -29.14
N ASP A 206 10.88 -11.34 -30.09
CA ASP A 206 12.08 -12.11 -29.79
C ASP A 206 13.17 -11.12 -29.36
N ALA A 207 13.44 -11.12 -28.05
CA ALA A 207 14.41 -10.19 -27.47
C ALA A 207 15.69 -10.89 -27.04
N ASP A 208 15.90 -12.12 -27.53
CA ASP A 208 17.17 -12.84 -27.38
C ASP A 208 18.21 -12.41 -28.43
N LEU A 209 17.78 -11.56 -29.37
CA LEU A 209 18.65 -10.99 -30.40
C LEU A 209 19.59 -9.93 -29.83
N PRO B 20 -21.66 13.65 2.15
CA PRO B 20 -22.50 13.68 3.37
C PRO B 20 -21.74 14.28 4.57
N PHE B 21 -22.47 14.70 5.60
CA PHE B 21 -21.81 15.24 6.81
C PHE B 21 -21.07 14.12 7.57
N THR B 22 -19.78 14.33 7.85
CA THR B 22 -18.95 13.24 8.39
C THR B 22 -18.37 13.53 9.76
N VAL B 23 -18.63 12.60 10.67
CA VAL B 23 -18.22 12.71 12.06
C VAL B 23 -17.25 11.58 12.36
N LEU B 24 -16.08 11.91 12.89
CA LEU B 24 -15.11 10.89 13.26
C LEU B 24 -15.00 10.76 14.78
N ILE B 25 -15.14 9.54 15.29
CA ILE B 25 -14.93 9.27 16.72
C ILE B 25 -13.48 8.86 16.92
N GLU B 26 -12.73 9.67 17.65
CA GLU B 26 -11.32 9.42 17.90
C GLU B 26 -11.09 9.21 19.39
N GLY B 27 -9.96 8.61 19.75
CA GLY B 27 -9.65 8.33 21.15
C GLY B 27 -8.65 7.20 21.30
N ASN B 28 -8.09 7.09 22.49
CA ASN B 28 -7.11 6.07 22.76
C ASN B 28 -7.79 4.69 22.71
N ILE B 29 -6.98 3.63 22.67
CA ILE B 29 -7.44 2.29 22.99
C ILE B 29 -8.06 2.33 24.41
N GLY B 30 -9.26 1.79 24.57
CA GLY B 30 -9.94 1.85 25.88
C GLY B 30 -10.53 3.20 26.27
N SER B 31 -10.83 4.04 25.28
CA SER B 31 -11.39 5.38 25.55
C SER B 31 -12.92 5.39 25.57
N GLY B 32 -13.52 4.22 25.31
CA GLY B 32 -14.96 4.06 25.36
C GLY B 32 -15.72 4.13 24.05
N LYS B 33 -15.02 4.12 22.92
CA LYS B 33 -15.64 4.36 21.60
C LYS B 33 -16.66 3.31 21.20
N THR B 34 -16.35 2.04 21.43
CA THR B 34 -17.28 0.94 21.11
C THR B 34 -18.60 1.00 21.90
N THR B 35 -18.52 1.35 23.19
CA THR B 35 -19.70 1.55 24.02
C THR B 35 -20.51 2.78 23.54
N TYR B 36 -19.82 3.90 23.34
CA TYR B 36 -20.43 5.11 22.79
C TYR B 36 -21.13 4.86 21.44
N LEU B 37 -20.55 4.01 20.61
CA LEU B 37 -21.07 3.80 19.24
C LEU B 37 -22.27 2.89 19.19
N ASN B 38 -22.35 2.00 20.18
CA ASN B 38 -23.51 1.14 20.37
C ASN B 38 -24.83 1.91 20.55
N HIS B 39 -24.73 3.11 21.11
CA HIS B 39 -25.88 4.01 21.18
C HIS B 39 -26.48 4.29 19.80
N PHE B 40 -25.61 4.50 18.81
CA PHE B 40 -26.06 4.88 17.46
C PHE B 40 -26.54 3.71 16.59
N GLU B 41 -26.54 2.51 17.16
CA GLU B 41 -26.91 1.30 16.42
C GLU B 41 -28.39 1.22 16.07
N LYS B 42 -29.15 2.21 16.54
CA LYS B 42 -30.61 2.26 16.33
C LYS B 42 -31.01 3.43 15.42
N TYR B 43 -30.04 4.24 15.05
CA TYR B 43 -30.25 5.31 14.09
C TYR B 43 -29.82 4.86 12.68
N LYS B 44 -29.75 3.54 12.48
CA LYS B 44 -29.14 2.97 11.26
C LYS B 44 -29.91 3.19 9.95
N ASN B 45 -30.93 4.05 9.99
CA ASN B 45 -31.69 4.42 8.79
C ASN B 45 -31.76 5.93 8.58
N ASP B 46 -31.11 6.67 9.47
CA ASP B 46 -30.89 8.10 9.30
C ASP B 46 -29.39 8.39 9.17
N ILE B 47 -28.58 7.40 9.60
CA ILE B 47 -27.15 7.58 9.80
C ILE B 47 -26.34 6.41 9.21
N CYS B 48 -25.32 6.74 8.42
CA CYS B 48 -24.29 5.77 8.04
C CYS B 48 -23.35 5.58 9.23
N LEU B 49 -23.37 4.39 9.79
CA LEU B 49 -22.63 4.06 11.00
C LEU B 49 -21.45 3.12 10.67
N LEU B 50 -20.26 3.69 10.61
CA LEU B 50 -19.08 2.93 10.21
C LEU B 50 -18.12 2.65 11.35
N THR B 51 -18.26 1.44 11.88
CA THR B 51 -17.53 1.00 13.05
C THR B 51 -16.16 0.47 12.59
N GLU B 52 -15.13 0.69 13.42
CA GLU B 52 -13.77 0.26 13.13
C GLU B 52 -13.75 -1.20 12.68
N PRO B 53 -13.17 -1.48 11.49
CA PRO B 53 -13.20 -2.80 10.83
C PRO B 53 -12.20 -3.78 11.43
N VAL B 54 -12.26 -3.96 12.75
CA VAL B 54 -11.38 -4.87 13.46
C VAL B 54 -11.58 -6.31 13.00
N GLU B 55 -12.80 -6.64 12.59
CA GLU B 55 -13.09 -8.02 12.13
C GLU B 55 -12.40 -8.35 10.80
N LYS B 56 -12.35 -7.37 9.91
CA LYS B 56 -11.53 -7.47 8.72
C LYS B 56 -10.05 -7.69 9.07
N TRP B 57 -9.54 -6.92 10.05
CA TRP B 57 -8.14 -6.99 10.44
C TRP B 57 -7.81 -8.34 11.06
N ARG B 58 -8.80 -8.93 11.73
CA ARG B 58 -8.62 -10.22 12.39
C ARG B 58 -8.69 -11.37 11.37
N ASN B 59 -9.25 -11.08 10.20
CA ASN B 59 -9.45 -12.09 9.18
C ASN B 59 -9.13 -11.58 7.77
N VAL B 60 -7.84 -11.53 7.44
CA VAL B 60 -7.43 -11.20 6.08
C VAL B 60 -7.18 -12.53 5.36
N ASN B 61 -8.27 -13.04 4.79
CA ASN B 61 -8.34 -14.42 4.25
C ASN B 61 -7.64 -15.47 5.14
N GLY B 62 -8.01 -15.47 6.42
CA GLY B 62 -7.50 -16.43 7.40
C GLY B 62 -6.36 -15.94 8.28
N VAL B 63 -5.84 -14.75 7.98
CA VAL B 63 -4.70 -14.22 8.73
C VAL B 63 -5.20 -13.10 9.66
N ASN B 64 -4.82 -13.19 10.94
CA ASN B 64 -5.19 -12.18 11.91
C ASN B 64 -4.01 -11.21 12.00
N LEU B 65 -4.09 -10.13 11.22
CA LEU B 65 -2.98 -9.16 11.17
C LEU B 65 -2.84 -8.38 12.47
N LEU B 66 -3.96 -8.18 13.14
CA LEU B 66 -3.98 -7.46 14.41
C LEU B 66 -3.17 -8.22 15.47
N GLU B 67 -3.41 -9.54 15.56
CA GLU B 67 -2.72 -10.43 16.48
C GLU B 67 -1.24 -10.49 16.14
N LEU B 68 -0.94 -10.65 14.86
CA LEU B 68 0.45 -10.70 14.41
C LEU B 68 1.20 -9.42 14.74
N MET B 69 0.57 -8.27 14.53
CA MET B 69 1.21 -6.99 14.85
C MET B 69 1.54 -6.90 16.34
N TYR B 70 0.58 -7.23 17.20
CA TYR B 70 0.81 -7.16 18.65
C TYR B 70 1.90 -8.13 19.09
N LYS B 71 1.91 -9.33 18.50
CA LYS B 71 2.93 -10.35 18.77
C LYS B 71 4.34 -10.01 18.26
N ASP B 72 4.45 -9.47 17.04
CA ASP B 72 5.76 -9.15 16.46
C ASP B 72 5.72 -7.81 15.69
N PRO B 73 5.69 -6.68 16.41
CA PRO B 73 5.53 -5.38 15.77
C PRO B 73 6.62 -5.06 14.74
N LYS B 74 7.86 -5.47 14.99
CA LYS B 74 8.93 -5.17 14.04
C LYS B 74 8.72 -5.85 12.68
N LYS B 75 8.05 -7.00 12.71
CA LYS B 75 7.71 -7.69 11.49
C LYS B 75 6.37 -7.24 10.89
N TRP B 76 5.36 -7.09 11.73
CA TRP B 76 3.99 -6.94 11.23
C TRP B 76 3.34 -5.54 11.30
N ALA B 77 3.97 -4.57 11.96
CA ALA B 77 3.41 -3.19 12.03
C ALA B 77 3.18 -2.58 10.65
N MET B 78 4.14 -2.80 9.75
CA MET B 78 4.08 -2.32 8.37
C MET B 78 2.88 -2.86 7.55
N PRO B 79 2.81 -4.19 7.32
CA PRO B 79 1.64 -4.67 6.56
C PRO B 79 0.31 -4.43 7.29
N PHE B 80 0.30 -4.49 8.62
CA PHE B 80 -0.94 -4.21 9.38
C PHE B 80 -1.47 -2.80 9.15
N GLN B 81 -0.61 -1.80 9.35
CA GLN B 81 -0.94 -0.39 9.11
C GLN B 81 -1.29 -0.08 7.65
N SER B 82 -0.60 -0.72 6.71
CA SER B 82 -0.99 -0.64 5.29
C SER B 82 -2.43 -1.15 5.05
N TYR B 83 -2.78 -2.27 5.66
CA TYR B 83 -4.15 -2.80 5.59
C TYR B 83 -5.16 -1.92 6.35
N VAL B 84 -4.75 -1.41 7.52
CA VAL B 84 -5.55 -0.39 8.23
C VAL B 84 -5.82 0.82 7.32
N THR B 85 -4.78 1.33 6.66
CA THR B 85 -4.93 2.46 5.72
C THR B 85 -5.95 2.15 4.64
N LEU B 86 -5.88 0.95 4.07
CA LEU B 86 -6.83 0.53 3.03
C LEU B 86 -8.30 0.43 3.53
N THR B 87 -8.52 -0.26 4.63
CA THR B 87 -9.88 -0.38 5.25
C THR B 87 -10.47 0.97 5.60
N MET B 88 -9.65 1.84 6.15
CA MET B 88 -10.12 3.18 6.49
C MET B 88 -10.51 3.96 5.24
N LEU B 89 -9.64 3.87 4.23
CA LEU B 89 -9.88 4.49 2.93
C LEU B 89 -11.19 3.97 2.33
N GLN B 90 -11.43 2.67 2.43
CA GLN B 90 -12.69 2.08 2.01
C GLN B 90 -13.86 2.75 2.74
N SER B 91 -13.77 2.86 4.07
CA SER B 91 -14.86 3.42 4.88
C SER B 91 -15.16 4.89 4.55
N HIS B 92 -14.11 5.69 4.48
CA HIS B 92 -14.18 7.09 4.09
C HIS B 92 -14.83 7.38 2.72
N THR B 93 -14.69 6.46 1.78
CA THR B 93 -15.13 6.70 0.40
C THR B 93 -16.42 5.94 0.03
N ALA B 94 -16.80 4.98 0.86
CA ALA B 94 -18.07 4.24 0.70
C ALA B 94 -19.25 5.18 0.43
N PRO B 95 -20.13 4.81 -0.52
CA PRO B 95 -21.24 5.69 -0.88
C PRO B 95 -22.36 5.63 0.15
N THR B 96 -23.04 6.76 0.36
CA THR B 96 -24.24 6.76 1.21
C THR B 96 -25.33 7.75 0.81
N ASN B 97 -26.58 7.33 0.99
CA ASN B 97 -27.74 8.19 0.79
C ASN B 97 -28.07 9.01 2.03
N LYS B 98 -27.72 8.45 3.18
CA LYS B 98 -27.96 9.07 4.48
C LYS B 98 -27.22 10.41 4.55
N LYS B 99 -27.84 11.39 5.21
CA LYS B 99 -27.29 12.75 5.17
C LYS B 99 -26.28 13.03 6.30
N LEU B 100 -26.00 12.00 7.11
CA LEU B 100 -24.94 12.04 8.13
C LEU B 100 -24.18 10.70 8.23
N LYS B 101 -22.85 10.81 8.23
CA LYS B 101 -21.94 9.65 8.38
C LYS B 101 -21.16 9.69 9.69
N ILE B 102 -21.25 8.63 10.49
CA ILE B 102 -20.39 8.51 11.71
C ILE B 102 -19.37 7.36 11.63
N MET B 103 -18.09 7.71 11.72
CA MET B 103 -17.00 6.74 11.59
C MET B 103 -16.16 6.64 12.85
N GLU B 104 -15.87 5.41 13.26
CA GLU B 104 -14.92 5.18 14.33
C GLU B 104 -13.49 5.21 13.79
N ARG B 105 -12.74 6.17 14.27
CA ARG B 105 -11.38 6.41 13.83
C ARG B 105 -11.32 6.74 12.33
N SER B 106 -10.12 7.04 11.84
CA SER B 106 -9.95 7.55 10.49
C SER B 106 -8.57 7.22 9.97
N ILE B 107 -8.36 7.55 8.70
CA ILE B 107 -7.03 7.54 8.09
C ILE B 107 -6.12 8.56 8.79
N PHE B 108 -6.70 9.62 9.37
CA PHE B 108 -5.92 10.63 10.09
C PHE B 108 -5.32 10.14 11.44
N SER B 109 -6.07 9.36 12.21
CA SER B 109 -5.52 8.85 13.46
C SER B 109 -4.51 7.74 13.20
N ALA B 110 -4.80 6.91 12.19
CA ALA B 110 -3.86 5.91 11.70
C ALA B 110 -2.51 6.57 11.39
N ARG B 111 -2.55 7.68 10.65
CA ARG B 111 -1.35 8.40 10.29
C ARG B 111 -0.74 9.21 11.44
N TYR B 112 -1.53 10.04 12.12
CA TYR B 112 -0.95 10.98 13.09
C TYR B 112 -0.61 10.39 14.46
N CYS B 113 -1.27 9.29 14.81
CA CYS B 113 -1.11 8.72 16.13
C CYS B 113 -0.45 7.36 16.06
N PHE B 114 -1.10 6.41 15.38
CA PHE B 114 -0.66 5.04 15.40
C PHE B 114 0.65 4.83 14.62
N VAL B 115 0.70 5.31 13.39
CA VAL B 115 1.92 5.16 12.59
C VAL B 115 3.06 6.01 13.15
N GLU B 116 2.77 7.24 13.53
CA GLU B 116 3.80 8.07 14.19
C GLU B 116 4.43 7.39 15.38
N ASN B 117 3.62 6.83 16.28
CA ASN B 117 4.12 6.12 17.46
C ASN B 117 4.97 4.91 17.13
N MET B 118 4.58 4.15 16.11
CA MET B 118 5.35 2.98 15.70
C MET B 118 6.69 3.35 15.09
N ARG B 119 6.73 4.51 14.46
CA ARG B 119 7.96 5.08 13.98
C ARG B 119 8.83 5.43 15.19
N ARG B 120 8.25 6.18 16.12
CA ARG B 120 8.96 6.65 17.32
C ARG B 120 9.50 5.51 18.16
N ASN B 121 8.70 4.45 18.34
CA ASN B 121 9.13 3.29 19.14
C ASN B 121 10.01 2.27 18.40
N GLY B 122 10.32 2.55 17.14
CA GLY B 122 11.22 1.69 16.36
C GLY B 122 10.58 0.52 15.65
N SER B 123 9.26 0.32 15.77
CA SER B 123 8.58 -0.79 15.09
C SER B 123 8.55 -0.63 13.57
N LEU B 124 8.51 0.62 13.10
CA LEU B 124 8.65 0.94 11.69
C LEU B 124 9.99 1.58 11.45
N GLU B 125 10.90 0.83 10.83
CA GLU B 125 12.15 1.39 10.32
C GLU B 125 11.81 2.49 9.31
N GLN B 126 12.76 3.41 9.10
CA GLN B 126 12.54 4.59 8.22
C GLN B 126 11.89 4.28 6.87
N GLY B 127 12.45 3.34 6.11
CA GLY B 127 11.88 2.99 4.79
C GLY B 127 10.44 2.50 4.89
N MET B 128 10.11 1.80 5.98
CA MET B 128 8.73 1.32 6.22
C MET B 128 7.82 2.49 6.54
N TYR B 129 8.27 3.38 7.41
CA TYR B 129 7.54 4.62 7.68
C TYR B 129 7.33 5.44 6.39
N ASN B 130 8.39 5.56 5.61
CA ASN B 130 8.35 6.32 4.36
C ASN B 130 7.38 5.79 3.34
N THR B 131 7.33 4.47 3.19
CA THR B 131 6.33 3.84 2.30
C THR B 131 4.90 4.18 2.70
N LEU B 132 4.58 4.08 4.01
CA LEU B 132 3.22 4.40 4.51
C LEU B 132 2.87 5.87 4.30
N GLU B 133 3.85 6.74 4.49
CA GLU B 133 3.69 8.19 4.23
C GLU B 133 3.40 8.55 2.79
N GLU B 134 4.06 7.88 1.85
CA GLU B 134 3.81 8.08 0.42
C GLU B 134 2.39 7.69 0.00
N TRP B 135 1.89 6.62 0.58
CA TRP B 135 0.49 6.25 0.40
C TRP B 135 -0.48 7.31 0.95
N TYR B 136 -0.24 7.80 2.17
CA TYR B 136 -1.06 8.87 2.77
C TYR B 136 -1.07 10.16 1.95
N LYS B 137 0.12 10.58 1.49
CA LYS B 137 0.27 11.74 0.62
C LYS B 137 -0.48 11.54 -0.70
N PHE B 138 -0.31 10.38 -1.31
CA PHE B 138 -1.02 10.10 -2.55
C PHE B 138 -2.53 10.09 -2.40
N ILE B 139 -3.03 9.56 -1.29
CA ILE B 139 -4.47 9.50 -1.03
C ILE B 139 -5.02 10.91 -0.84
N GLU B 140 -4.32 11.72 -0.05
CA GLU B 140 -4.74 13.11 0.21
C GLU B 140 -4.65 14.05 -1.01
N GLU B 141 -3.84 13.67 -2.01
CA GLU B 141 -3.73 14.41 -3.27
C GLU B 141 -4.80 13.97 -4.27
N SER B 142 -5.17 12.69 -4.21
CA SER B 142 -6.09 12.12 -5.20
C SER B 142 -7.55 12.38 -4.85
N ILE B 143 -7.83 12.49 -3.55
CA ILE B 143 -9.19 12.63 -3.06
C ILE B 143 -9.21 13.60 -1.86
N HIS B 144 -10.33 14.31 -1.72
CA HIS B 144 -10.60 15.05 -0.50
C HIS B 144 -11.36 14.10 0.43
N VAL B 145 -10.76 13.76 1.57
CA VAL B 145 -11.45 12.91 2.56
C VAL B 145 -12.32 13.81 3.46
N GLN B 146 -13.61 13.51 3.49
CA GLN B 146 -14.59 14.27 4.25
C GLN B 146 -14.41 14.06 5.75
N ALA B 147 -14.05 15.15 6.44
CA ALA B 147 -14.03 15.19 7.90
C ALA B 147 -14.67 16.50 8.35
N ASP B 148 -15.95 16.42 8.73
CA ASP B 148 -16.72 17.61 9.10
C ASP B 148 -16.61 17.93 10.58
N LEU B 149 -16.67 16.89 11.40
CA LEU B 149 -16.60 17.02 12.84
C LEU B 149 -15.78 15.89 13.45
N ILE B 150 -14.88 16.24 14.37
CA ILE B 150 -14.18 15.25 15.17
C ILE B 150 -14.69 15.26 16.62
N ILE B 151 -15.19 14.12 17.08
CA ILE B 151 -15.52 13.91 18.49
C ILE B 151 -14.42 13.12 19.20
N TYR B 152 -13.70 13.79 20.08
CA TYR B 152 -12.57 13.22 20.82
C TYR B 152 -12.97 12.71 22.23
N LEU B 153 -13.09 11.40 22.38
CA LEU B 153 -13.35 10.81 23.68
C LEU B 153 -12.05 10.80 24.48
N ARG B 154 -11.85 11.90 25.21
CA ARG B 154 -10.63 12.17 25.93
C ARG B 154 -10.61 11.42 27.24
N THR B 155 -9.47 10.82 27.55
CA THR B 155 -9.32 9.99 28.73
C THR B 155 -7.91 10.12 29.25
N SER B 156 -7.67 9.65 30.46
CA SER B 156 -6.31 9.50 30.95
C SER B 156 -5.82 8.08 30.64
N PRO B 157 -4.54 7.91 30.35
CA PRO B 157 -4.02 6.56 30.08
C PRO B 157 -4.39 5.52 31.15
N GLU B 158 -4.52 5.95 32.40
CA GLU B 158 -4.94 5.06 33.52
C GLU B 158 -6.38 4.56 33.34
N VAL B 159 -7.28 5.48 33.05
CA VAL B 159 -8.66 5.15 32.77
C VAL B 159 -8.76 4.20 31.54
N ALA B 160 -8.01 4.54 30.48
CA ALA B 160 -7.96 3.72 29.27
C ALA B 160 -7.46 2.32 29.58
N TYR B 161 -6.36 2.22 30.34
CA TYR B 161 -5.78 0.93 30.74
C TYR B 161 -6.79 0.02 31.47
N GLU B 162 -7.64 0.65 32.29
CA GLU B 162 -8.59 -0.08 33.12
C GLU B 162 -9.80 -0.58 32.34
N ARG B 163 -10.28 0.20 31.36
CA ARG B 163 -11.30 -0.31 30.43
C ARG B 163 -10.81 -1.54 29.67
N ILE B 164 -9.58 -1.50 29.18
CA ILE B 164 -8.96 -2.63 28.48
C ILE B 164 -8.90 -3.87 29.36
N ARG B 165 -8.65 -3.69 30.65
CA ARG B 165 -8.55 -4.82 31.57
C ARG B 165 -9.90 -5.30 32.10
N GLN B 166 -10.89 -4.40 32.22
CA GLN B 166 -12.24 -4.76 32.70
C GLN B 166 -13.12 -5.45 31.65
N ARG B 167 -12.56 -5.74 30.47
CA ARG B 167 -13.31 -6.33 29.36
C ARG B 167 -12.57 -7.53 28.80
N SER B 170 -8.40 -9.15 24.73
CA SER B 170 -8.30 -9.62 23.36
C SER B 170 -6.83 -9.67 22.87
N GLU B 171 -6.57 -9.21 21.64
CA GLU B 171 -5.21 -9.16 21.07
C GLU B 171 -4.40 -8.05 21.73
N GLU B 172 -5.13 -7.06 22.23
CA GLU B 172 -4.57 -5.81 22.72
C GLU B 172 -4.37 -5.76 24.22
N SER B 173 -4.75 -6.84 24.92
CA SER B 173 -4.88 -6.79 26.38
C SER B 173 -3.54 -6.63 27.12
N CYS B 174 -2.46 -6.89 26.40
CA CYS B 174 -1.11 -6.77 26.93
C CYS B 174 -0.37 -5.50 26.51
N VAL B 175 -1.12 -4.53 25.99
CA VAL B 175 -0.60 -3.20 25.76
C VAL B 175 -0.04 -2.67 27.09
N PRO B 176 1.24 -2.22 27.10
CA PRO B 176 1.72 -1.56 28.32
C PRO B 176 1.07 -0.18 28.48
N LEU B 177 0.98 0.30 29.71
CA LEU B 177 0.53 1.66 30.00
C LEU B 177 1.36 2.77 29.31
N LYS B 178 2.68 2.59 29.20
CA LYS B 178 3.53 3.57 28.51
C LYS B 178 3.10 3.76 27.06
N TYR B 179 2.63 2.67 26.43
CA TYR B 179 2.14 2.69 25.05
C TYR B 179 0.86 3.54 24.96
N LEU B 180 -0.06 3.32 25.89
CA LEU B 180 -1.24 4.19 26.04
C LEU B 180 -0.91 5.67 26.33
N GLN B 181 0.12 5.92 27.14
CA GLN B 181 0.60 7.26 27.46
C GLN B 181 1.07 7.96 26.18
N GLU B 182 1.88 7.24 25.40
CA GLU B 182 2.37 7.69 24.09
C GLU B 182 1.25 7.98 23.08
N LEU B 183 0.27 7.10 22.97
CA LEU B 183 -0.87 7.33 22.07
C LEU B 183 -1.78 8.46 22.55
N HIS B 184 -1.82 8.63 23.86
CA HIS B 184 -2.52 9.73 24.50
C HIS B 184 -1.97 11.11 24.11
N GLU B 185 -0.66 11.29 24.25
CA GLU B 185 -0.01 12.58 23.91
C GLU B 185 -0.10 12.91 22.43
N LEU B 186 -0.04 11.87 21.59
CA LEU B 186 -0.22 12.04 20.16
C LEU B 186 -1.62 12.54 19.82
N HIS B 187 -2.66 11.94 20.41
CA HIS B 187 -4.03 12.48 20.30
C HIS B 187 -4.12 13.92 20.84
N GLU B 188 -3.45 14.21 21.96
CA GLU B 188 -3.45 15.56 22.57
C GLU B 188 -2.75 16.56 21.64
N ASP B 189 -1.55 16.20 21.18
CA ASP B 189 -0.83 16.98 20.16
C ASP B 189 -1.70 17.30 18.95
N TRP B 190 -2.28 16.26 18.35
CA TRP B 190 -3.16 16.39 17.21
C TRP B 190 -4.43 17.20 17.51
N LEU B 191 -5.20 16.76 18.51
CA LEU B 191 -6.58 17.22 18.66
C LEU B 191 -6.81 18.36 19.65
N ILE B 192 -5.80 18.64 20.47
CA ILE B 192 -5.90 19.73 21.44
C ILE B 192 -4.94 20.86 21.08
N HIS B 193 -3.70 20.51 20.76
CA HIS B 193 -2.63 21.48 20.55
C HIS B 193 -2.41 21.85 19.08
N GLN B 194 -3.22 21.25 18.19
CA GLN B 194 -3.21 21.54 16.76
C GLN B 194 -1.86 21.35 16.06
N ARG B 195 -1.13 20.30 16.47
CA ARG B 195 0.17 19.97 15.88
C ARG B 195 0.07 19.20 14.55
N ARG B 196 -1.12 18.67 14.27
CA ARG B 196 -1.45 18.04 12.98
C ARG B 196 -2.86 18.49 12.57
N PRO B 197 -3.17 18.46 11.25
CA PRO B 197 -4.53 18.82 10.83
C PRO B 197 -5.54 17.72 11.19
N LYS B 201 -12.97 20.79 12.91
CA LYS B 201 -13.79 21.16 14.06
C LYS B 201 -13.82 20.02 15.09
N VAL B 202 -13.28 20.31 16.28
CA VAL B 202 -13.09 19.29 17.33
C VAL B 202 -13.94 19.50 18.61
N LEU B 203 -14.79 18.51 18.91
CA LEU B 203 -15.58 18.48 20.13
C LEU B 203 -15.03 17.44 21.13
N VAL B 204 -14.57 17.92 22.28
CA VAL B 204 -13.87 17.12 23.28
C VAL B 204 -14.81 16.60 24.39
N LEU B 205 -15.29 15.36 24.26
CA LEU B 205 -16.09 14.73 25.31
C LEU B 205 -15.19 14.20 26.43
N ASP B 206 -15.73 14.10 27.65
CA ASP B 206 -14.99 13.58 28.79
C ASP B 206 -15.29 12.10 29.07
O5' GEO C . 13.65 -3.19 -13.14
C5' GEO C . 14.44 -2.64 -12.08
C4' GEO C . 14.39 -3.60 -10.90
O4' GEO C . 13.10 -3.55 -10.29
C1' GEO C . 12.70 -4.87 -9.89
N1 GEO C . 11.24 -4.99 -9.81
C6 GEO C . 10.44 -4.42 -10.72
C5 GEO C . 9.06 -4.50 -10.62
C4 GEO C . 8.54 -5.19 -9.52
N3 GEO C . 9.37 -5.74 -8.62
C2 GEO C . 10.70 -5.64 -8.77
O2 GEO C . 11.50 -6.23 -7.85
N4 GEO C . 7.20 -5.33 -9.34
C2' GEO C . 13.36 -5.78 -10.93
F1 GEO C . 13.63 -6.95 -10.36
F2 GEO C . 12.56 -5.90 -11.97
C3' GEO C . 14.61 -5.04 -11.35
O3' GEO C . 15.71 -5.60 -10.65
S SO4 D . 16.09 -4.48 -18.96
O1 SO4 D . 16.24 -4.92 -17.59
O2 SO4 D . 17.20 -4.98 -19.75
O3 SO4 D . 14.84 -5.03 -19.46
O4 SO4 D . 15.99 -3.02 -19.04
O5' GEO E . -9.27 -0.43 17.93
C5' GEO E . -8.97 -1.84 17.89
C4' GEO E . -7.46 -2.11 17.96
O4' GEO E . -6.86 -1.65 16.76
C1' GEO E . -5.59 -1.02 17.03
N1 GEO E . -5.29 -0.01 16.00
C6 GEO E . -6.28 0.73 15.46
C5 GEO E . -6.03 1.68 14.47
C4 GEO E . -4.72 1.85 14.06
N3 GEO E . -3.74 1.09 14.63
C2 GEO E . -4.02 0.17 15.58
O2 GEO E . -3.01 -0.57 16.10
N4 GEO E . -4.41 2.74 13.08
C2' GEO E . -5.73 -0.48 18.46
F1 GEO E . -4.59 -0.52 19.10
F2 GEO E . -6.14 0.76 18.52
C3' GEO E . -6.76 -1.39 19.10
O3' GEO E . -6.02 -2.34 19.87
S SO4 F . -12.44 1.47 22.94
O1 SO4 F . -12.84 1.29 24.33
O2 SO4 F . -11.26 0.63 22.70
O3 SO4 F . -13.54 1.01 22.10
O4 SO4 F . -12.15 2.86 22.68
#